data_6T96
#
_entry.id   6T96
#
_cell.length_a   56.582
_cell.length_b   69.416
_cell.length_c   76.706
_cell.angle_alpha   90.000
_cell.angle_beta   90.000
_cell.angle_gamma   90.000
#
_symmetry.space_group_name_H-M   'P 21 21 21'
#
loop_
_entity.id
_entity.type
_entity.pdbx_description
1 polymer 'Lectin PLL3'
2 non-polymer 'SODIUM ION'
3 water water
#
_entity_poly.entity_id   1
_entity_poly.type   'polypeptide(L)'
_entity_poly.pdbx_seq_one_letter_code
;MKKESINTSGPDNTKSSISDEIEISNEISWTALSGVISAANNADGRLEVFGVGTNNAVWHNWQTVPNTGSSWSGWHSLNE
GATSKPAVHINSDGRLEVFVRGTDNALWHNWQTVPGAGWSGWQSLGGQITSNPVVYINSDGRLEVFARGADNALWHIWQT
APHAGPWSNWQSLNGVLTSDPTVYVNASGRPEVFARSNDYSLWYIKQTASHTYPWTNWQSLSGVITSNPVVISNSDGRLE
VFARGSDNALWHIWQVAPNAGWTNWRSLSGIITSDPAVHINADGRLEVFARGPDNALWHIWQTATSDAWSEWTSLSGVIT
SAPTVAKNSDGWLEVFARGANNAL(CSO)HIQQTTSSWSTWTSLGGNLIDASAIK
;
_entity_poly.pdbx_strand_id   A
#
# COMPACT_ATOMS: atom_id res chain seq x y z
N MET A 1 -6.58 16.74 -14.57
CA MET A 1 -5.36 17.24 -15.28
C MET A 1 -5.73 17.66 -16.71
N LYS A 2 -5.00 18.62 -17.28
CA LYS A 2 -5.15 19.08 -18.69
C LYS A 2 -4.57 18.03 -19.64
N LYS A 3 -4.98 18.10 -20.92
CA LYS A 3 -4.55 17.21 -22.04
C LYS A 3 -3.03 17.09 -22.14
N GLU A 4 -2.35 18.23 -22.04
CA GLU A 4 -0.87 18.34 -22.05
C GLU A 4 -0.23 17.23 -21.21
N SER A 5 -0.94 16.76 -20.16
CA SER A 5 -0.42 15.87 -19.09
C SER A 5 -0.91 14.42 -19.27
N ILE A 6 -1.86 14.15 -20.17
CA ILE A 6 -2.51 12.80 -20.20
C ILE A 6 -1.61 11.82 -20.96
N ASN A 7 -0.79 12.29 -21.92
CA ASN A 7 0.03 11.38 -22.78
C ASN A 7 1.20 10.83 -21.95
N THR A 8 1.17 9.52 -21.66
CA THR A 8 2.27 8.75 -21.04
C THR A 8 3.42 8.62 -22.07
N ALA A 32 -6.12 12.90 4.64
CA ALA A 32 -6.43 11.95 5.74
C ALA A 32 -5.12 11.35 6.27
N LEU A 33 -5.09 10.88 7.52
CA LEU A 33 -3.86 10.26 8.06
C LEU A 33 -3.53 9.03 7.20
N SER A 34 -2.26 8.89 6.85
CA SER A 34 -1.73 7.68 6.16
C SER A 34 -1.41 6.63 7.23
N GLY A 35 -1.11 5.43 6.77
CA GLY A 35 -0.51 4.37 7.59
C GLY A 35 0.90 4.79 7.98
N VAL A 36 1.47 4.19 9.02
CA VAL A 36 2.83 4.55 9.53
C VAL A 36 3.79 3.38 9.43
N ILE A 37 3.32 2.24 8.89
CA ILE A 37 4.21 1.10 8.58
C ILE A 37 3.89 0.55 7.20
N SER A 38 4.82 -0.26 6.71
N SER A 38 4.81 -0.28 6.68
CA SER A 38 4.65 -1.18 5.57
CA SER A 38 4.56 -1.18 5.54
C SER A 38 4.97 -2.58 6.09
C SER A 38 5.04 -2.56 5.94
N ALA A 39 4.24 -3.58 5.63
CA ALA A 39 4.41 -4.96 6.09
C ALA A 39 4.66 -5.85 4.89
N ALA A 40 5.39 -6.93 5.12
CA ALA A 40 5.50 -8.00 4.11
C ALA A 40 5.66 -9.33 4.84
N ASN A 41 5.42 -10.42 4.12
CA ASN A 41 5.86 -11.75 4.56
C ASN A 41 7.22 -12.07 3.95
N ASN A 42 8.11 -12.58 4.79
CA ASN A 42 9.36 -13.26 4.40
C ASN A 42 8.99 -14.51 3.58
N ALA A 43 9.98 -15.06 2.87
CA ALA A 43 9.83 -16.26 2.03
C ALA A 43 9.22 -17.38 2.89
N ASP A 44 9.53 -17.40 4.19
CA ASP A 44 9.13 -18.50 5.09
C ASP A 44 7.77 -18.19 5.75
N GLY A 45 7.10 -17.10 5.34
CA GLY A 45 5.79 -16.67 5.86
C GLY A 45 5.89 -15.60 6.96
N ARG A 46 7.03 -15.43 7.61
CA ARG A 46 7.10 -14.57 8.82
C ARG A 46 6.78 -13.11 8.44
N LEU A 47 5.87 -12.45 9.17
CA LEU A 47 5.53 -11.03 8.92
C LEU A 47 6.68 -10.17 9.42
N GLU A 48 6.91 -9.07 8.71
CA GLU A 48 7.98 -8.10 9.06
C GLU A 48 7.43 -6.71 8.77
N VAL A 49 7.60 -5.78 9.71
CA VAL A 49 7.02 -4.42 9.54
C VAL A 49 8.15 -3.42 9.58
N PHE A 50 7.99 -2.33 8.83
CA PHE A 50 8.97 -1.23 8.70
C PHE A 50 8.25 0.06 9.03
N GLY A 51 8.88 0.94 9.82
CA GLY A 51 8.28 2.23 10.16
C GLY A 51 9.36 3.24 10.44
N VAL A 52 9.01 4.50 10.55
CA VAL A 52 10.01 5.55 10.88
C VAL A 52 9.88 5.87 12.37
N GLY A 53 11.01 5.77 13.07
CA GLY A 53 11.10 6.03 14.51
C GLY A 53 11.28 7.52 14.76
N THR A 54 11.25 7.89 16.03
CA THR A 54 11.29 9.29 16.51
C THR A 54 12.64 9.91 16.12
N ASN A 55 13.69 9.10 15.93
CA ASN A 55 15.04 9.57 15.47
C ASN A 55 15.14 9.65 13.93
N ASN A 56 14.01 9.50 13.22
CA ASN A 56 13.89 9.68 11.75
C ASN A 56 14.58 8.53 11.00
N ALA A 57 14.93 7.43 11.66
CA ALA A 57 15.50 6.25 11.02
C ALA A 57 14.36 5.28 10.76
N VAL A 58 14.53 4.43 9.74
CA VAL A 58 13.65 3.27 9.49
C VAL A 58 14.02 2.20 10.54
N TRP A 59 13.02 1.69 11.24
CA TRP A 59 13.16 0.53 12.15
C TRP A 59 12.29 -0.60 11.62
N HIS A 60 12.64 -1.83 12.00
CA HIS A 60 11.81 -2.99 11.61
C HIS A 60 11.69 -3.97 12.78
N ASN A 61 10.68 -4.83 12.66
CA ASN A 61 10.22 -5.77 13.72
C ASN A 61 9.60 -6.94 12.97
N TRP A 62 9.91 -8.15 13.35
CA TRP A 62 9.47 -9.36 12.61
C TRP A 62 9.01 -10.44 13.59
N GLN A 63 8.17 -11.33 13.09
CA GLN A 63 7.88 -12.62 13.73
C GLN A 63 9.15 -13.44 13.68
N THR A 64 9.52 -14.06 14.80
CA THR A 64 10.82 -14.76 14.94
C THR A 64 10.75 -16.20 14.41
N VAL A 65 9.59 -16.84 14.33
CA VAL A 65 9.51 -18.30 13.97
C VAL A 65 8.51 -18.48 12.84
N PRO A 66 8.87 -19.32 11.84
CA PRO A 66 8.03 -19.57 10.66
C PRO A 66 6.88 -20.49 11.07
N ASN A 67 6.01 -19.97 11.92
CA ASN A 67 5.15 -20.83 12.77
C ASN A 67 3.99 -19.98 13.30
N THR A 68 2.83 -20.61 13.34
CA THR A 68 1.56 -20.07 13.88
C THR A 68 1.80 -19.63 15.34
N GLY A 69 1.36 -18.41 15.72
CA GLY A 69 1.48 -17.86 17.08
C GLY A 69 2.88 -17.38 17.44
N SER A 70 3.70 -16.99 16.45
CA SER A 70 5.10 -16.53 16.69
C SER A 70 5.09 -15.30 17.60
N SER A 71 6.12 -15.17 18.44
N SER A 71 6.13 -15.13 18.41
CA SER A 71 6.48 -13.91 19.15
CA SER A 71 6.42 -13.88 19.14
C SER A 71 7.12 -12.95 18.14
C SER A 71 7.31 -12.99 18.26
N TRP A 72 7.30 -11.68 18.52
CA TRP A 72 8.03 -10.70 17.68
C TRP A 72 9.44 -10.42 18.22
N SER A 73 10.31 -9.95 17.35
CA SER A 73 11.75 -9.68 17.59
C SER A 73 11.96 -8.45 18.49
N GLY A 74 11.04 -7.50 18.47
CA GLY A 74 11.30 -6.14 18.95
C GLY A 74 11.92 -5.34 17.82
N TRP A 75 12.00 -4.03 18.01
CA TRP A 75 12.42 -3.07 16.98
C TRP A 75 13.94 -3.01 16.87
N HIS A 76 14.43 -3.09 15.64
CA HIS A 76 15.85 -2.97 15.26
C HIS A 76 15.99 -1.87 14.23
N SER A 77 17.08 -1.10 14.29
CA SER A 77 17.24 0.10 13.45
C SER A 77 17.96 -0.26 12.16
N LEU A 78 17.53 0.31 11.05
CA LEU A 78 18.29 0.26 9.78
C LEU A 78 19.03 1.60 9.58
N ASN A 79 19.04 2.48 10.57
CA ASN A 79 19.84 3.74 10.58
C ASN A 79 19.46 4.60 9.35
N GLU A 80 20.32 5.51 8.93
CA GLU A 80 20.03 6.49 7.84
C GLU A 80 18.89 7.41 8.31
N GLY A 81 18.31 8.16 7.38
CA GLY A 81 17.35 9.23 7.67
C GLY A 81 16.23 9.19 6.65
N ALA A 82 15.02 8.91 7.09
CA ALA A 82 13.81 8.73 6.26
C ALA A 82 12.98 10.01 6.23
N THR A 83 12.46 10.39 5.05
CA THR A 83 11.54 11.54 4.86
C THR A 83 10.27 11.12 4.11
N SER A 84 9.98 9.82 4.08
CA SER A 84 8.71 9.27 3.57
C SER A 84 8.31 8.09 4.45
N LYS A 85 7.06 7.67 4.31
CA LYS A 85 6.63 6.32 4.71
C LYS A 85 7.49 5.34 3.94
N PRO A 86 8.04 4.29 4.58
CA PRO A 86 8.79 3.26 3.88
C PRO A 86 7.84 2.30 3.16
N ALA A 87 8.35 1.62 2.12
CA ALA A 87 7.58 0.59 1.42
C ALA A 87 8.48 -0.62 1.27
N VAL A 88 7.93 -1.79 1.54
CA VAL A 88 8.68 -3.07 1.44
C VAL A 88 7.95 -3.99 0.47
N HIS A 89 8.74 -4.75 -0.29
CA HIS A 89 8.25 -5.80 -1.17
C HIS A 89 9.24 -6.95 -1.14
N ILE A 90 8.74 -8.17 -1.24
CA ILE A 90 9.66 -9.34 -1.34
C ILE A 90 10.11 -9.43 -2.80
N ASN A 91 11.38 -9.75 -3.03
CA ASN A 91 11.86 -10.10 -4.39
C ASN A 91 11.35 -11.50 -4.75
N SER A 92 11.41 -11.84 -6.04
CA SER A 92 10.97 -13.18 -6.51
C SER A 92 11.96 -14.26 -6.05
N ASP A 93 13.11 -13.92 -5.48
CA ASP A 93 14.09 -14.90 -4.92
C ASP A 93 13.97 -14.97 -3.39
N GLY A 94 12.94 -14.34 -2.81
CA GLY A 94 12.59 -14.45 -1.38
C GLY A 94 13.21 -13.37 -0.49
N ARG A 95 14.00 -12.45 -1.04
CA ARG A 95 14.70 -11.40 -0.27
C ARG A 95 13.80 -10.14 -0.13
N LEU A 96 13.53 -9.71 1.10
CA LEU A 96 12.81 -8.42 1.32
C LEU A 96 13.68 -7.26 0.82
N GLU A 97 13.03 -6.22 0.35
CA GLU A 97 13.70 -4.97 -0.07
C GLU A 97 12.79 -3.82 0.36
N VAL A 98 13.37 -2.84 1.04
CA VAL A 98 12.62 -1.69 1.60
C VAL A 98 13.12 -0.44 0.88
N PHE A 99 12.18 0.48 0.63
CA PHE A 99 12.37 1.71 -0.14
C PHE A 99 11.91 2.86 0.75
N VAL A 100 12.64 3.96 0.73
CA VAL A 100 12.21 5.17 1.48
C VAL A 100 12.84 6.38 0.82
N ARG A 101 12.18 7.52 0.97
CA ARG A 101 12.78 8.80 0.57
C ARG A 101 13.82 9.16 1.63
N GLY A 102 14.98 9.66 1.19
CA GLY A 102 16.08 10.09 2.08
C GLY A 102 16.00 11.57 2.34
N THR A 103 16.99 12.14 3.05
CA THR A 103 16.99 13.59 3.41
C THR A 103 17.30 14.44 2.18
N ASP A 104 17.86 13.84 1.13
CA ASP A 104 18.15 14.52 -0.15
C ASP A 104 16.92 14.49 -1.06
N ASN A 105 15.82 13.90 -0.61
CA ASN A 105 14.55 13.69 -1.37
C ASN A 105 14.76 12.75 -2.55
N ALA A 106 15.85 12.00 -2.57
CA ALA A 106 16.03 10.89 -3.50
C ALA A 106 15.38 9.63 -2.94
N LEU A 107 15.15 8.64 -3.80
CA LEU A 107 14.70 7.30 -3.37
C LEU A 107 15.91 6.46 -2.95
N TRP A 108 15.85 5.81 -1.78
CA TRP A 108 16.90 4.93 -1.24
C TRP A 108 16.31 3.54 -1.07
N HIS A 109 17.15 2.51 -1.14
CA HIS A 109 16.69 1.14 -0.87
C HIS A 109 17.75 0.34 -0.12
N ASN A 110 17.30 -0.76 0.47
CA ASN A 110 18.09 -1.63 1.35
C ASN A 110 17.47 -3.00 1.19
N TRP A 111 18.26 -4.05 1.09
CA TRP A 111 17.68 -5.40 0.85
C TRP A 111 18.33 -6.44 1.74
N GLN A 112 17.60 -7.49 2.04
CA GLN A 112 18.15 -8.72 2.64
C GLN A 112 19.14 -9.29 1.62
N THR A 113 20.31 -9.78 2.01
CA THR A 113 21.26 -10.38 1.01
C THR A 113 20.97 -11.89 0.88
N VAL A 114 20.27 -12.48 1.85
N VAL A 114 20.25 -12.46 1.85
CA VAL A 114 19.69 -13.84 1.73
CA VAL A 114 19.74 -13.86 1.88
C VAL A 114 18.28 -13.76 2.31
C VAL A 114 18.30 -13.79 2.38
N PRO A 115 17.35 -14.64 1.92
CA PRO A 115 15.98 -14.57 2.44
C PRO A 115 16.00 -14.60 3.97
N GLY A 116 15.47 -13.53 4.57
CA GLY A 116 15.27 -13.46 6.02
C GLY A 116 16.38 -12.72 6.75
N ALA A 117 17.54 -12.38 6.15
CA ALA A 117 18.61 -11.75 6.96
C ALA A 117 19.61 -10.94 6.14
N GLY A 118 20.51 -10.25 6.84
CA GLY A 118 21.75 -9.73 6.25
C GLY A 118 21.49 -8.54 5.35
N TRP A 119 21.02 -7.45 5.94
CA TRP A 119 20.69 -6.23 5.15
C TRP A 119 21.95 -5.66 4.51
N SER A 120 21.84 -5.34 3.22
CA SER A 120 22.90 -4.74 2.34
C SER A 120 23.44 -3.44 2.91
N GLY A 121 22.57 -2.66 3.53
CA GLY A 121 22.81 -1.22 3.76
C GLY A 121 22.20 -0.43 2.63
N TRP A 122 22.04 0.87 2.87
CA TRP A 122 21.23 1.76 2.00
C TRP A 122 22.03 2.14 0.75
N GLN A 123 21.36 2.13 -0.40
CA GLN A 123 21.95 2.66 -1.65
C GLN A 123 20.95 3.59 -2.32
N SER A 124 21.45 4.60 -3.00
CA SER A 124 20.55 5.60 -3.64
C SER A 124 20.10 5.12 -5.00
N LEU A 125 18.82 5.33 -5.32
CA LEU A 125 18.25 5.19 -6.70
C LEU A 125 17.98 6.58 -7.27
N GLY A 126 18.41 7.63 -6.58
CA GLY A 126 18.34 9.01 -7.11
C GLY A 126 16.92 9.49 -7.27
N GLY A 127 16.67 10.32 -8.29
CA GLY A 127 15.39 11.01 -8.49
C GLY A 127 15.17 12.11 -7.47
N GLN A 128 14.04 12.78 -7.63
CA GLN A 128 13.51 13.73 -6.62
C GLN A 128 12.03 13.42 -6.51
N ILE A 129 11.60 12.82 -5.41
CA ILE A 129 10.20 12.32 -5.25
C ILE A 129 9.50 13.14 -4.17
N THR A 130 8.19 13.31 -4.34
CA THR A 130 7.32 14.19 -3.54
C THR A 130 6.08 13.41 -3.10
N SER A 131 6.07 12.09 -3.29
CA SER A 131 5.07 11.20 -2.67
C SER A 131 5.80 10.08 -1.96
N ASN A 132 5.06 9.28 -1.21
CA ASN A 132 5.60 8.01 -0.69
C ASN A 132 5.80 7.12 -1.89
N PRO A 133 6.86 6.29 -1.90
CA PRO A 133 7.10 5.33 -2.98
C PRO A 133 6.18 4.12 -2.80
N VAL A 134 5.64 3.58 -3.90
N VAL A 134 5.86 3.50 -3.93
CA VAL A 134 4.92 2.29 -3.86
CA VAL A 134 4.88 2.40 -4.07
C VAL A 134 5.61 1.33 -4.82
C VAL A 134 5.53 1.32 -4.93
N VAL A 135 5.57 0.06 -4.46
CA VAL A 135 6.35 -1.01 -5.11
C VAL A 135 5.37 -1.98 -5.78
N TYR A 136 5.79 -2.45 -6.92
CA TYR A 136 5.05 -3.44 -7.74
C TYR A 136 6.06 -4.50 -8.12
N ILE A 137 5.65 -5.77 -8.26
CA ILE A 137 6.53 -6.79 -8.89
C ILE A 137 5.89 -7.20 -10.21
N ASN A 138 6.69 -7.11 -11.26
CA ASN A 138 6.28 -7.50 -12.63
C ASN A 138 6.14 -9.01 -12.66
N SER A 139 5.40 -9.54 -13.64
N SER A 139 5.39 -9.53 -13.64
CA SER A 139 5.16 -10.99 -13.80
CA SER A 139 5.17 -10.97 -13.85
C SER A 139 6.50 -11.74 -13.97
C SER A 139 6.50 -11.72 -13.95
N ASP A 140 7.54 -11.08 -14.49
CA ASP A 140 8.87 -11.72 -14.71
C ASP A 140 9.75 -11.65 -13.46
N GLY A 141 9.31 -11.00 -12.39
CA GLY A 141 10.09 -10.94 -11.14
C GLY A 141 10.88 -9.65 -10.98
N ARG A 142 10.69 -8.65 -11.83
CA ARG A 142 11.39 -7.34 -11.71
C ARG A 142 10.58 -6.43 -10.78
N LEU A 143 11.18 -5.94 -9.69
CA LEU A 143 10.56 -4.88 -8.85
C LEU A 143 10.51 -3.58 -9.67
N GLU A 144 9.48 -2.77 -9.38
CA GLU A 144 9.27 -1.49 -10.06
C GLU A 144 8.68 -0.55 -9.01
N VAL A 145 9.21 0.65 -8.95
CA VAL A 145 8.73 1.65 -7.98
C VAL A 145 8.08 2.81 -8.72
N PHE A 146 6.95 3.25 -8.17
CA PHE A 146 6.14 4.38 -8.65
C PHE A 146 6.15 5.45 -7.57
N ALA A 147 6.36 6.70 -7.97
CA ALA A 147 6.36 7.85 -7.02
C ALA A 147 6.06 9.13 -7.79
N ARG A 148 5.44 10.08 -7.12
CA ARG A 148 5.29 11.44 -7.68
C ARG A 148 6.67 12.11 -7.71
N GLY A 149 6.97 12.83 -8.80
CA GLY A 149 8.21 13.60 -8.96
C GLY A 149 8.04 15.03 -8.51
N ALA A 150 9.13 15.78 -8.52
CA ALA A 150 9.17 17.23 -8.19
C ALA A 150 8.27 18.02 -9.16
N ASP A 151 7.99 17.51 -10.35
CA ASP A 151 7.11 18.17 -11.36
C ASP A 151 5.64 17.73 -11.19
N ASN A 152 5.34 16.91 -10.18
CA ASN A 152 4.00 16.39 -9.82
C ASN A 152 3.49 15.36 -10.84
N ALA A 153 4.34 14.87 -11.73
CA ALA A 153 4.07 13.76 -12.63
C ALA A 153 4.32 12.46 -11.90
N LEU A 154 3.74 11.39 -12.40
CA LEU A 154 4.08 10.02 -11.95
C LEU A 154 5.41 9.66 -12.62
N TRP A 155 6.37 9.21 -11.83
CA TRP A 155 7.65 8.63 -12.33
C TRP A 155 7.78 7.18 -11.86
N HIS A 156 8.57 6.39 -12.59
CA HIS A 156 8.82 5.00 -12.23
C HIS A 156 10.25 4.63 -12.56
N ILE A 157 10.71 3.56 -11.92
CA ILE A 157 12.09 3.02 -12.02
C ILE A 157 11.98 1.52 -11.72
N TRP A 158 12.84 0.70 -12.33
CA TRP A 158 12.68 -0.77 -12.20
C TRP A 158 14.03 -1.48 -12.20
N GLN A 159 14.06 -2.64 -11.57
CA GLN A 159 15.10 -3.69 -11.76
C GLN A 159 15.12 -4.02 -13.25
N THR A 160 16.31 -4.23 -13.82
CA THR A 160 16.42 -4.52 -15.28
C THR A 160 16.47 -6.03 -15.47
N ALA A 161 16.57 -6.79 -14.38
CA ALA A 161 16.58 -8.26 -14.44
C ALA A 161 15.79 -8.79 -13.26
N PRO A 162 15.19 -10.00 -13.35
CA PRO A 162 14.44 -10.57 -12.24
C PRO A 162 15.28 -10.56 -10.96
N HIS A 163 14.71 -9.96 -9.91
CA HIS A 163 15.30 -9.82 -8.55
C HIS A 163 16.76 -9.35 -8.65
N ALA A 164 17.10 -8.49 -9.59
CA ALA A 164 18.49 -8.02 -9.69
C ALA A 164 18.56 -6.62 -10.26
N GLY A 165 19.44 -5.82 -9.69
CA GLY A 165 20.10 -4.66 -10.33
C GLY A 165 20.88 -5.06 -11.60
N PRO A 166 21.28 -4.05 -12.40
CA PRO A 166 21.03 -2.65 -12.05
C PRO A 166 19.59 -2.17 -12.28
N TRP A 167 19.27 -1.05 -11.65
CA TRP A 167 18.01 -0.31 -11.88
C TRP A 167 18.13 0.57 -13.11
N SER A 168 17.00 0.77 -13.76
CA SER A 168 16.82 1.68 -14.90
C SER A 168 17.07 3.12 -14.44
N ASN A 169 17.15 4.03 -15.40
CA ASN A 169 16.95 5.48 -15.16
C ASN A 169 15.50 5.67 -14.74
N TRP A 170 15.21 6.74 -14.02
CA TRP A 170 13.82 7.23 -13.81
C TRP A 170 13.18 7.58 -15.15
N GLN A 171 11.91 7.24 -15.32
CA GLN A 171 11.13 7.63 -16.51
C GLN A 171 9.80 8.24 -16.05
N SER A 172 9.38 9.30 -16.73
CA SER A 172 8.09 9.97 -16.46
C SER A 172 6.94 9.26 -17.17
N LEU A 173 5.81 9.14 -16.49
CA LEU A 173 4.52 8.68 -17.08
C LEU A 173 3.55 9.86 -17.11
N ASN A 174 4.05 11.09 -16.97
N ASN A 174 4.05 11.07 -16.89
CA ASN A 174 3.23 12.33 -17.08
CA ASN A 174 3.28 12.34 -16.97
C ASN A 174 2.17 12.33 -15.97
C ASN A 174 2.15 12.30 -15.93
N GLY A 175 1.03 12.98 -16.22
CA GLY A 175 -0.04 13.16 -15.24
C GLY A 175 0.28 14.29 -14.27
N VAL A 176 -0.73 14.65 -13.51
CA VAL A 176 -0.61 15.61 -12.40
C VAL A 176 -1.18 14.84 -11.20
N LEU A 177 -0.34 14.54 -10.21
CA LEU A 177 -0.79 13.75 -9.03
C LEU A 177 -0.92 14.65 -7.80
N THR A 178 -1.95 14.39 -6.99
CA THR A 178 -2.16 15.02 -5.67
C THR A 178 -2.35 13.95 -4.58
N SER A 179 -1.94 12.71 -4.83
CA SER A 179 -1.97 11.61 -3.83
C SER A 179 -0.78 10.69 -4.08
N ASP A 180 -0.54 9.77 -3.16
CA ASP A 180 0.34 8.63 -3.48
C ASP A 180 -0.34 7.87 -4.61
N PRO A 181 0.43 7.26 -5.51
CA PRO A 181 -0.15 6.34 -6.46
C PRO A 181 -0.45 5.00 -5.78
N THR A 182 -1.38 4.25 -6.34
CA THR A 182 -1.74 2.89 -5.86
C THR A 182 -1.76 1.98 -7.07
N VAL A 183 -1.17 0.80 -6.93
CA VAL A 183 -0.90 -0.08 -8.10
C VAL A 183 -1.36 -1.49 -7.75
N TYR A 184 -1.87 -2.19 -8.75
CA TYR A 184 -2.20 -3.63 -8.63
C TYR A 184 -2.09 -4.26 -10.00
N VAL A 185 -1.86 -5.57 -10.00
CA VAL A 185 -1.81 -6.37 -11.25
C VAL A 185 -3.26 -6.58 -11.72
N ASN A 186 -3.50 -6.48 -13.04
CA ASN A 186 -4.84 -6.69 -13.62
C ASN A 186 -4.94 -8.15 -14.07
N ALA A 187 -6.07 -8.51 -14.68
CA ALA A 187 -6.39 -9.92 -15.05
C ALA A 187 -5.48 -10.40 -16.19
N SER A 188 -4.83 -9.47 -16.91
N SER A 188 -4.83 -9.47 -16.92
CA SER A 188 -3.89 -9.76 -18.02
CA SER A 188 -3.90 -9.78 -18.03
C SER A 188 -2.44 -9.67 -17.54
C SER A 188 -2.47 -9.94 -17.51
N GLY A 189 -2.22 -9.69 -16.21
CA GLY A 189 -0.90 -9.84 -15.57
C GLY A 189 -0.06 -8.58 -15.63
N ARG A 190 -0.69 -7.41 -15.84
CA ARG A 190 0.05 -6.15 -16.04
C ARG A 190 -0.44 -5.10 -15.05
N PRO A 191 0.42 -4.14 -14.67
CA PRO A 191 0.05 -3.13 -13.67
C PRO A 191 -0.93 -2.08 -14.18
N GLU A 192 -1.82 -1.68 -13.29
CA GLU A 192 -2.64 -0.47 -13.44
C GLU A 192 -2.38 0.42 -12.23
N VAL A 193 -2.15 1.70 -12.48
CA VAL A 193 -1.76 2.69 -11.44
C VAL A 193 -2.83 3.78 -11.40
N PHE A 194 -3.30 4.08 -10.18
CA PHE A 194 -4.38 5.06 -9.93
C PHE A 194 -3.85 6.14 -9.01
N ALA A 195 -4.28 7.38 -9.25
CA ALA A 195 -3.87 8.47 -8.34
C ALA A 195 -4.91 9.59 -8.38
N ARG A 196 -5.02 10.34 -7.30
CA ARG A 196 -5.82 11.59 -7.31
C ARG A 196 -5.10 12.65 -8.16
N SER A 197 -5.86 13.47 -8.91
CA SER A 197 -5.28 14.58 -9.71
C SER A 197 -5.70 15.93 -9.11
N ASN A 198 -5.35 17.03 -9.77
CA ASN A 198 -5.58 18.40 -9.25
C ASN A 198 -7.04 18.82 -9.45
N ASP A 199 -7.89 17.93 -9.98
CA ASP A 199 -9.38 18.13 -10.02
C ASP A 199 -10.03 17.31 -8.89
N TYR A 200 -9.21 16.71 -8.01
CA TYR A 200 -9.60 15.83 -6.88
C TYR A 200 -10.31 14.58 -7.37
N SER A 201 -10.23 14.25 -8.66
CA SER A 201 -10.80 13.01 -9.21
C SER A 201 -9.70 11.94 -9.26
N LEU A 202 -10.14 10.69 -9.35
CA LEU A 202 -9.25 9.53 -9.56
C LEU A 202 -8.98 9.40 -11.05
N TRP A 203 -7.71 9.31 -11.43
CA TRP A 203 -7.26 9.01 -12.82
C TRP A 203 -6.41 7.77 -12.79
N TYR A 204 -6.31 7.08 -13.90
CA TYR A 204 -5.46 5.87 -13.92
C TYR A 204 -4.82 5.66 -15.28
N ILE A 205 -3.77 4.88 -15.26
CA ILE A 205 -3.07 4.38 -16.46
C ILE A 205 -2.93 2.86 -16.33
N LYS A 206 -2.81 2.19 -17.47
CA LYS A 206 -2.70 0.72 -17.50
C LYS A 206 -1.63 0.35 -18.51
N GLN A 207 -0.83 -0.64 -18.16
CA GLN A 207 0.23 -1.13 -19.05
C GLN A 207 -0.42 -2.14 -20.00
N THR A 208 -0.06 -2.07 -21.29
CA THR A 208 -0.54 -3.00 -22.35
C THR A 208 0.66 -3.71 -22.98
N ALA A 209 0.39 -4.65 -23.89
CA ALA A 209 1.41 -5.36 -24.70
C ALA A 209 1.97 -4.43 -25.79
N SER A 210 1.26 -3.35 -26.12
CA SER A 210 1.58 -2.44 -27.24
C SER A 210 3.04 -2.00 -27.17
N HIS A 211 3.74 -1.99 -28.30
CA HIS A 211 5.16 -1.53 -28.41
C HIS A 211 5.18 0.00 -28.48
N THR A 212 4.22 0.57 -29.21
CA THR A 212 4.16 2.02 -29.53
CA THR A 212 4.14 2.02 -29.54
C THR A 212 3.51 2.80 -28.37
N TYR A 213 2.53 2.19 -27.68
CA TYR A 213 1.88 2.77 -26.48
C TYR A 213 1.87 1.73 -25.35
N PRO A 214 3.02 1.48 -24.67
CA PRO A 214 3.09 0.48 -23.61
C PRO A 214 2.17 0.82 -22.42
N TRP A 215 2.01 2.11 -22.13
CA TRP A 215 1.04 2.61 -21.12
C TRP A 215 -0.03 3.45 -21.82
N THR A 216 -1.28 3.29 -21.38
CA THR A 216 -2.43 4.13 -21.83
C THR A 216 -2.19 5.57 -21.38
N ASN A 217 -2.86 6.51 -22.02
CA ASN A 217 -2.94 7.91 -21.56
C ASN A 217 -3.79 7.92 -20.30
N TRP A 218 -3.53 8.87 -19.42
CA TRP A 218 -4.33 9.06 -18.19
C TRP A 218 -5.82 9.16 -18.56
N GLN A 219 -6.64 8.41 -17.84
N GLN A 219 -6.64 8.39 -17.86
CA GLN A 219 -8.11 8.36 -18.01
CA GLN A 219 -8.12 8.32 -18.02
C GLN A 219 -8.76 8.66 -16.66
C GLN A 219 -8.75 8.66 -16.67
N SER A 220 -9.81 9.48 -16.67
CA SER A 220 -10.53 9.88 -15.46
C SER A 220 -11.57 8.82 -15.07
N LEU A 221 -11.68 8.53 -13.78
CA LEU A 221 -12.83 7.82 -13.17
C LEU A 221 -13.61 8.78 -12.28
N SER A 222 -13.38 10.07 -12.41
CA SER A 222 -14.13 11.12 -11.70
C SER A 222 -14.05 10.89 -10.20
N GLY A 223 -15.07 11.32 -9.46
CA GLY A 223 -15.13 11.29 -7.99
C GLY A 223 -14.57 12.57 -7.41
N VAL A 224 -14.85 12.75 -6.13
CA VAL A 224 -14.22 13.82 -5.31
C VAL A 224 -13.60 13.11 -4.12
N ILE A 225 -12.26 13.03 -4.10
CA ILE A 225 -11.51 12.13 -3.19
C ILE A 225 -10.69 12.95 -2.21
N THR A 226 -10.77 12.58 -0.92
CA THR A 226 -10.15 13.34 0.19
C THR A 226 -9.24 12.43 1.01
N SER A 227 -8.80 11.31 0.46
CA SER A 227 -7.76 10.45 1.06
C SER A 227 -6.85 9.92 -0.05
N ASN A 228 -5.75 9.26 0.32
CA ASN A 228 -5.05 8.37 -0.64
C ASN A 228 -6.07 7.32 -1.09
N PRO A 229 -6.13 7.02 -2.40
CA PRO A 229 -6.91 5.87 -2.86
C PRO A 229 -6.13 4.58 -2.69
N VAL A 230 -6.84 3.44 -2.66
CA VAL A 230 -6.16 2.12 -2.59
C VAL A 230 -6.86 1.15 -3.53
N VAL A 231 -6.08 0.49 -4.39
CA VAL A 231 -6.63 -0.50 -5.34
C VAL A 231 -6.28 -1.90 -4.84
N ILE A 232 -7.18 -2.82 -5.13
CA ILE A 232 -6.97 -4.28 -4.92
C ILE A 232 -7.72 -5.05 -6.02
N SER A 233 -7.41 -6.32 -6.19
CA SER A 233 -8.19 -7.24 -7.05
C SER A 233 -9.16 -8.05 -6.19
N ASN A 234 -10.38 -8.20 -6.66
CA ASN A 234 -11.32 -9.25 -6.19
C ASN A 234 -10.70 -10.59 -6.57
N SER A 235 -11.21 -11.68 -6.00
CA SER A 235 -10.69 -13.05 -6.24
C SER A 235 -10.78 -13.38 -7.73
N ASP A 236 -11.67 -12.74 -8.49
CA ASP A 236 -11.93 -13.12 -9.92
C ASP A 236 -11.19 -12.17 -10.86
N GLY A 237 -10.38 -11.24 -10.33
CA GLY A 237 -9.55 -10.34 -11.14
C GLY A 237 -10.20 -8.98 -11.41
N ARG A 238 -11.39 -8.73 -10.91
CA ARG A 238 -12.05 -7.41 -11.06
C ARG A 238 -11.33 -6.45 -10.13
N LEU A 239 -10.67 -5.43 -10.67
CA LEU A 239 -10.02 -4.40 -9.82
C LEU A 239 -11.09 -3.56 -9.10
N GLU A 240 -10.75 -3.07 -7.91
CA GLU A 240 -11.69 -2.28 -7.09
C GLU A 240 -10.86 -1.23 -6.37
N VAL A 241 -11.31 0.02 -6.36
CA VAL A 241 -10.59 1.12 -5.68
C VAL A 241 -11.47 1.69 -4.56
N PHE A 242 -10.81 2.00 -3.44
CA PHE A 242 -11.42 2.58 -2.24
C PHE A 242 -10.81 3.95 -2.00
N ALA A 243 -11.63 4.90 -1.58
CA ALA A 243 -11.15 6.25 -1.22
C ALA A 243 -12.18 6.93 -0.36
N ARG A 244 -11.73 7.81 0.53
CA ARG A 244 -12.65 8.69 1.25
C ARG A 244 -13.21 9.74 0.28
N GLY A 245 -14.49 10.09 0.45
CA GLY A 245 -15.16 11.14 -0.35
C GLY A 245 -15.25 12.45 0.39
N SER A 246 -15.85 13.45 -0.26
CA SER A 246 -15.92 14.84 0.26
C SER A 246 -16.85 14.87 1.46
N ASP A 247 -17.67 13.81 1.63
CA ASP A 247 -18.62 13.68 2.78
C ASP A 247 -17.99 12.85 3.90
N ASN A 248 -16.69 12.52 3.80
CA ASN A 248 -15.92 11.67 4.75
C ASN A 248 -16.45 10.23 4.81
N ALA A 249 -17.36 9.83 3.93
CA ALA A 249 -17.73 8.40 3.77
C ALA A 249 -16.62 7.64 3.03
N LEU A 250 -16.67 6.33 3.15
CA LEU A 250 -15.89 5.44 2.28
C LEU A 250 -16.65 5.27 0.97
N TRP A 251 -15.97 5.53 -0.14
CA TRP A 251 -16.51 5.31 -1.51
C TRP A 251 -15.68 4.25 -2.23
N HIS A 252 -16.28 3.59 -3.21
CA HIS A 252 -15.56 2.60 -4.01
C HIS A 252 -16.13 2.54 -5.42
N ILE A 253 -15.35 1.93 -6.27
CA ILE A 253 -15.65 1.83 -7.72
C ILE A 253 -15.00 0.53 -8.16
N TRP A 254 -15.63 -0.23 -9.04
CA TRP A 254 -15.03 -1.52 -9.42
C TRP A 254 -15.30 -1.87 -10.88
N GLN A 255 -14.53 -2.83 -11.38
CA GLN A 255 -14.70 -3.42 -12.73
C GLN A 255 -15.90 -4.35 -12.70
N VAL A 256 -16.78 -4.29 -13.70
CA VAL A 256 -18.05 -5.07 -13.76
C VAL A 256 -17.75 -6.51 -14.20
N ALA A 257 -16.54 -6.74 -14.71
CA ALA A 257 -16.00 -8.08 -15.07
C ALA A 257 -14.49 -7.96 -15.18
N PRO A 258 -13.74 -9.09 -15.12
CA PRO A 258 -12.29 -9.02 -15.10
C PRO A 258 -11.82 -8.22 -16.32
N ASN A 259 -11.12 -7.11 -16.08
CA ASN A 259 -10.48 -6.37 -17.19
C ASN A 259 -11.53 -5.60 -18.01
N ALA A 260 -12.77 -5.45 -17.52
CA ALA A 260 -13.86 -4.73 -18.20
C ALA A 260 -13.90 -3.27 -17.73
N GLY A 261 -14.96 -2.54 -18.06
CA GLY A 261 -15.16 -1.14 -17.65
C GLY A 261 -15.60 -1.06 -16.19
N TRP A 262 -15.75 0.16 -15.71
CA TRP A 262 -15.96 0.44 -14.27
C TRP A 262 -17.42 0.80 -14.00
N THR A 263 -17.85 0.56 -12.77
CA THR A 263 -19.09 1.14 -12.23
C THR A 263 -18.88 2.64 -12.06
N ASN A 264 -19.95 3.34 -11.71
CA ASN A 264 -19.84 4.70 -11.10
C ASN A 264 -19.35 4.54 -9.65
N TRP A 265 -18.95 5.64 -9.03
CA TRP A 265 -18.63 5.68 -7.59
C TRP A 265 -19.89 5.37 -6.78
N ARG A 266 -19.76 4.46 -5.79
CA ARG A 266 -20.85 4.04 -4.88
C ARG A 266 -20.37 4.27 -3.43
N SER A 267 -21.24 4.75 -2.56
CA SER A 267 -20.91 5.04 -1.14
C SER A 267 -21.14 3.79 -0.27
N LEU A 268 -20.17 3.51 0.60
CA LEU A 268 -20.30 2.54 1.72
C LEU A 268 -20.52 3.32 3.02
N SER A 269 -20.82 4.60 2.93
CA SER A 269 -21.20 5.43 4.10
C SER A 269 -20.10 5.37 5.17
N GLY A 270 -20.46 5.55 6.44
CA GLY A 270 -19.45 5.68 7.51
C GLY A 270 -18.88 7.08 7.55
N ILE A 271 -18.07 7.33 8.57
CA ILE A 271 -17.23 8.55 8.64
C ILE A 271 -15.83 8.05 8.94
N ILE A 272 -14.93 8.19 7.97
CA ILE A 272 -13.54 7.69 8.15
C ILE A 272 -12.59 8.88 8.28
N THR A 273 -11.68 8.76 9.24
CA THR A 273 -10.78 9.83 9.69
C THR A 273 -9.35 9.41 9.39
N SER A 274 -9.19 8.42 8.53
CA SER A 274 -7.87 8.02 7.99
C SER A 274 -8.05 7.58 6.55
N ASP A 275 -6.94 7.43 5.85
CA ASP A 275 -6.92 6.58 4.63
C ASP A 275 -7.56 5.23 4.94
N PRO A 276 -8.28 4.65 3.97
CA PRO A 276 -8.73 3.27 4.08
C PRO A 276 -7.59 2.30 3.73
N ALA A 277 -7.65 1.12 4.33
CA ALA A 277 -6.75 0.00 4.02
C ALA A 277 -7.64 -1.17 3.63
N VAL A 278 -7.14 -2.04 2.77
CA VAL A 278 -7.97 -3.16 2.26
C VAL A 278 -7.11 -4.41 2.10
N HIS A 279 -7.72 -5.55 2.31
CA HIS A 279 -7.10 -6.85 1.99
C HIS A 279 -8.21 -7.79 1.55
N ILE A 280 -7.85 -8.94 1.00
CA ILE A 280 -8.83 -9.99 0.63
C ILE A 280 -8.73 -11.06 1.71
N ASN A 281 -9.85 -11.42 2.32
CA ASN A 281 -9.84 -12.33 3.50
C ASN A 281 -9.86 -13.76 2.97
N ALA A 282 -9.84 -14.73 3.87
CA ALA A 282 -9.75 -16.17 3.53
C ALA A 282 -11.02 -16.63 2.79
N ASP A 283 -12.11 -15.85 2.84
CA ASP A 283 -13.36 -16.18 2.11
C ASP A 283 -13.30 -15.63 0.67
N GLY A 284 -12.21 -14.97 0.27
CA GLY A 284 -12.13 -14.33 -1.05
C GLY A 284 -12.96 -13.05 -1.11
N ARG A 285 -13.23 -12.44 0.04
CA ARG A 285 -14.03 -11.21 0.15
C ARG A 285 -13.11 -10.04 0.52
N LEU A 286 -13.34 -8.88 -0.07
CA LEU A 286 -12.58 -7.66 0.27
C LEU A 286 -13.05 -7.18 1.63
N GLU A 287 -12.10 -6.78 2.45
CA GLU A 287 -12.37 -6.26 3.80
C GLU A 287 -11.55 -4.99 3.99
N VAL A 288 -12.25 -3.92 4.31
CA VAL A 288 -11.72 -2.54 4.43
C VAL A 288 -11.67 -2.17 5.91
N PHE A 289 -10.57 -1.54 6.28
CA PHE A 289 -10.26 -1.03 7.63
C PHE A 289 -10.00 0.47 7.56
N ALA A 290 -10.52 1.18 8.54
CA ALA A 290 -10.26 2.63 8.65
C ALA A 290 -10.46 3.11 10.08
N ARG A 291 -9.83 4.23 10.39
CA ARG A 291 -10.10 4.93 11.66
C ARG A 291 -11.49 5.56 11.56
N GLY A 292 -12.26 5.50 12.65
CA GLY A 292 -13.56 6.13 12.75
C GLY A 292 -13.49 7.46 13.50
N PRO A 293 -14.64 8.14 13.66
CA PRO A 293 -14.66 9.46 14.29
C PRO A 293 -14.49 9.34 15.82
N ASP A 294 -14.57 8.13 16.38
CA ASP A 294 -14.33 7.86 17.82
C ASP A 294 -12.88 7.39 18.03
N ASN A 295 -12.08 7.44 16.96
CA ASN A 295 -10.65 7.02 16.90
C ASN A 295 -10.52 5.52 17.12
N ALA A 296 -11.61 4.76 17.00
CA ALA A 296 -11.56 3.28 16.99
C ALA A 296 -11.21 2.81 15.58
N LEU A 297 -10.87 1.53 15.50
CA LEU A 297 -10.67 0.83 14.23
C LEU A 297 -12.02 0.28 13.82
N TRP A 298 -12.46 0.60 12.62
CA TRP A 298 -13.70 0.06 12.04
C TRP A 298 -13.35 -0.79 10.83
N HIS A 299 -14.19 -1.77 10.51
CA HIS A 299 -14.06 -2.57 9.30
C HIS A 299 -15.42 -2.87 8.72
N ILE A 300 -15.39 -3.22 7.45
CA ILE A 300 -16.59 -3.51 6.63
C ILE A 300 -16.10 -4.41 5.49
N TRP A 301 -16.92 -5.37 5.09
CA TRP A 301 -16.52 -6.40 4.12
C TRP A 301 -17.65 -6.79 3.18
N GLN A 302 -17.26 -7.33 2.03
CA GLN A 302 -18.20 -7.94 1.07
C GLN A 302 -18.84 -9.16 1.74
N THR A 303 -20.15 -9.32 1.58
CA THR A 303 -20.93 -10.46 2.12
C THR A 303 -21.36 -11.38 0.96
N ALA A 304 -21.10 -10.96 -0.28
CA ALA A 304 -21.45 -11.68 -1.52
C ALA A 304 -20.71 -11.03 -2.68
N THR A 305 -20.78 -11.64 -3.87
CA THR A 305 -20.23 -11.04 -5.12
C THR A 305 -20.99 -9.75 -5.44
N SER A 306 -22.30 -9.86 -5.67
CA SER A 306 -23.12 -8.78 -6.28
C SER A 306 -23.74 -7.90 -5.19
N ASP A 307 -23.23 -6.66 -5.07
CA ASP A 307 -23.93 -5.49 -4.45
C ASP A 307 -24.32 -5.82 -3.01
N ALA A 308 -23.35 -6.27 -2.19
CA ALA A 308 -23.64 -6.70 -0.80
C ALA A 308 -22.40 -6.52 0.08
N TRP A 309 -22.49 -5.56 1.00
CA TRP A 309 -21.52 -5.35 2.09
C TRP A 309 -22.18 -5.52 3.45
N SER A 310 -21.37 -5.86 4.44
CA SER A 310 -21.70 -5.85 5.87
C SER A 310 -22.00 -4.42 6.29
N GLU A 311 -22.49 -4.28 7.51
N GLU A 311 -22.52 -4.27 7.51
CA GLU A 311 -22.56 -2.98 8.21
CA GLU A 311 -22.55 -2.97 8.23
C GLU A 311 -21.13 -2.61 8.65
C GLU A 311 -21.11 -2.60 8.60
N TRP A 312 -20.86 -1.32 8.79
CA TRP A 312 -19.65 -0.86 9.51
C TRP A 312 -19.65 -1.52 10.89
N THR A 313 -18.52 -2.11 11.28
CA THR A 313 -18.35 -2.89 12.53
C THR A 313 -17.13 -2.36 13.26
N SER A 314 -17.25 -2.04 14.56
CA SER A 314 -16.13 -1.55 15.41
C SER A 314 -15.26 -2.70 15.95
N LEU A 315 -13.94 -2.55 15.86
CA LEU A 315 -12.95 -3.40 16.57
C LEU A 315 -12.38 -2.61 17.75
N SER A 316 -12.97 -1.46 18.07
N SER A 316 -12.98 -1.47 18.08
CA SER A 316 -12.60 -0.60 19.21
CA SER A 316 -12.60 -0.61 19.24
C SER A 316 -11.12 -0.18 19.11
C SER A 316 -11.14 -0.18 19.12
N GLY A 317 -10.43 -0.07 20.25
CA GLY A 317 -9.08 0.48 20.31
C GLY A 317 -9.08 1.99 20.16
N VAL A 318 -7.89 2.56 20.30
CA VAL A 318 -7.65 4.01 20.13
C VAL A 318 -6.44 4.13 19.22
N ILE A 319 -6.65 4.60 17.99
CA ILE A 319 -5.53 4.67 16.99
C ILE A 319 -5.32 6.10 16.49
N THR A 320 -4.09 6.40 16.09
CA THR A 320 -3.64 7.76 15.70
C THR A 320 -2.97 7.74 14.31
N SER A 321 -3.26 6.72 13.52
CA SER A 321 -2.82 6.60 12.11
C SER A 321 -3.93 5.86 11.34
N ALA A 322 -3.81 5.79 10.02
CA ALA A 322 -4.52 4.77 9.24
C ALA A 322 -4.03 3.40 9.71
N PRO A 323 -4.87 2.38 9.59
CA PRO A 323 -4.41 1.00 9.76
C PRO A 323 -3.57 0.52 8.58
N THR A 324 -2.73 -0.47 8.84
CA THR A 324 -2.02 -1.28 7.85
C THR A 324 -2.50 -2.72 8.02
N VAL A 325 -2.89 -3.36 6.93
N VAL A 325 -2.95 -3.37 6.94
CA VAL A 325 -3.43 -4.74 6.99
CA VAL A 325 -3.53 -4.75 7.00
C VAL A 325 -2.47 -5.65 6.26
C VAL A 325 -2.65 -5.72 6.22
N ALA A 326 -2.21 -6.79 6.88
CA ALA A 326 -1.35 -7.85 6.33
C ALA A 326 -2.03 -9.18 6.59
N LYS A 327 -1.44 -10.23 6.09
CA LYS A 327 -2.02 -11.59 6.18
C LYS A 327 -0.91 -12.53 6.61
N ASN A 328 -1.17 -13.30 7.66
CA ASN A 328 -0.14 -14.21 8.23
C ASN A 328 -0.17 -15.50 7.41
N SER A 329 0.72 -16.43 7.73
CA SER A 329 0.96 -17.62 6.88
C SER A 329 -0.17 -18.62 7.08
N ASP A 330 -1.04 -18.43 8.09
CA ASP A 330 -2.29 -19.23 8.26
C ASP A 330 -3.46 -18.63 7.47
N GLY A 331 -3.27 -17.51 6.78
CA GLY A 331 -4.30 -16.91 5.91
C GLY A 331 -5.18 -15.90 6.64
N TRP A 332 -4.88 -15.60 7.90
CA TRP A 332 -5.68 -14.67 8.73
C TRP A 332 -5.12 -13.25 8.63
N LEU A 333 -5.99 -12.24 8.73
CA LEU A 333 -5.61 -10.80 8.64
C LEU A 333 -5.03 -10.34 9.97
N GLU A 334 -3.95 -9.57 9.90
CA GLU A 334 -3.38 -8.88 11.07
C GLU A 334 -3.41 -7.39 10.74
N VAL A 335 -3.78 -6.58 11.71
CA VAL A 335 -3.96 -5.13 11.51
C VAL A 335 -3.07 -4.41 12.51
N PHE A 336 -2.39 -3.39 12.03
CA PHE A 336 -1.43 -2.57 12.82
C PHE A 336 -1.86 -1.12 12.67
N ALA A 337 -1.67 -0.34 13.71
CA ALA A 337 -1.95 1.10 13.63
C ALA A 337 -1.20 1.76 14.77
N ARG A 338 -0.90 3.03 14.59
CA ARG A 338 -0.26 3.77 15.68
C ARG A 338 -1.25 3.97 16.82
N GLY A 339 -0.77 3.80 18.05
CA GLY A 339 -1.56 3.99 19.28
C GLY A 339 -1.40 5.37 19.86
N ALA A 340 -2.13 5.64 20.93
CA ALA A 340 -2.16 6.97 21.60
C ALA A 340 -0.75 7.38 22.09
N ASN A 341 0.14 6.42 22.39
CA ASN A 341 1.53 6.63 22.92
C ASN A 341 2.61 6.48 21.81
N ASN A 342 2.19 6.45 20.54
CA ASN A 342 3.05 6.33 19.34
C ASN A 342 3.65 4.93 19.23
N ALA A 343 3.22 3.99 20.06
CA ALA A 343 3.56 2.56 19.88
C ALA A 343 2.73 1.97 18.74
N LEU A 344 3.14 0.83 18.22
CA LEU A 344 2.38 0.12 17.18
C LEU A 344 1.42 -0.84 17.84
N HIS A 346 -1.73 -3.61 17.68
CA HIS A 346 -1.83 -4.81 16.88
C HIS A 346 -3.11 -5.58 17.25
N ILE A 347 -3.87 -6.05 16.27
CA ILE A 347 -5.09 -6.87 16.50
C ILE A 347 -5.13 -7.88 15.35
N GLN A 348 -5.61 -9.09 15.62
CA GLN A 348 -5.59 -10.11 14.56
C GLN A 348 -6.85 -10.97 14.56
N GLN A 349 -7.16 -11.41 13.36
CA GLN A 349 -8.18 -12.44 13.09
C GLN A 349 -7.60 -13.77 13.56
N THR A 350 -8.37 -14.56 14.28
CA THR A 350 -8.00 -15.93 14.70
C THR A 350 -8.93 -16.89 13.97
N THR A 351 -8.86 -18.18 14.28
CA THR A 351 -9.72 -19.19 13.61
C THR A 351 -11.19 -18.97 13.95
N SER A 352 -11.53 -18.28 15.06
CA SER A 352 -12.93 -18.27 15.58
CA SER A 352 -12.91 -18.28 15.62
C SER A 352 -13.42 -16.86 15.92
N SER A 353 -12.55 -15.85 15.88
CA SER A 353 -12.89 -14.48 16.38
C SER A 353 -11.77 -13.50 16.05
N TRP A 354 -11.91 -12.26 16.46
CA TRP A 354 -10.80 -11.27 16.50
C TRP A 354 -10.16 -11.32 17.90
N SER A 355 -8.84 -11.18 17.95
CA SER A 355 -8.04 -11.12 19.19
C SER A 355 -8.33 -9.81 19.92
N THR A 356 -7.73 -9.68 21.11
N THR A 356 -7.78 -9.66 21.12
CA THR A 356 -7.57 -8.42 21.86
CA THR A 356 -7.72 -8.34 21.80
C THR A 356 -6.57 -7.53 21.10
C THR A 356 -6.53 -7.56 21.22
N TRP A 357 -6.55 -6.25 21.44
CA TRP A 357 -5.45 -5.31 21.09
C TRP A 357 -4.24 -5.61 21.97
N THR A 358 -3.06 -5.71 21.35
CA THR A 358 -1.74 -5.78 22.03
C THR A 358 -0.87 -4.67 21.44
N SER A 359 0.24 -4.37 22.11
CA SER A 359 1.23 -3.38 21.64
C SER A 359 2.49 -4.11 21.19
N LEU A 360 3.03 -3.73 20.04
CA LEU A 360 4.41 -4.14 19.62
C LEU A 360 5.43 -3.05 20.00
N GLY A 361 5.02 -2.09 20.80
CA GLY A 361 5.91 -1.01 21.26
C GLY A 361 6.43 -0.16 20.12
N GLY A 362 7.61 0.40 20.32
CA GLY A 362 8.20 1.35 19.37
C GLY A 362 7.69 2.73 19.64
N ASN A 363 8.28 3.67 18.92
CA ASN A 363 7.91 5.10 18.97
C ASN A 363 7.92 5.63 17.53
N LEU A 364 6.76 5.53 16.87
CA LEU A 364 6.61 5.79 15.41
C LEU A 364 6.20 7.24 15.14
N ILE A 365 6.77 7.82 14.10
CA ILE A 365 6.28 9.11 13.57
C ILE A 365 5.60 8.86 12.22
N ASP A 366 4.85 9.86 11.80
CA ASP A 366 4.24 9.92 10.45
C ASP A 366 5.19 10.74 9.57
N ALA A 367 6.04 10.07 8.81
CA ALA A 367 6.99 10.76 7.91
C ALA A 367 6.42 10.86 6.48
N SER A 368 5.12 10.65 6.32
CA SER A 368 4.48 10.66 4.97
C SER A 368 4.94 11.88 4.16
N ALA A 369 5.39 11.64 2.94
CA ALA A 369 5.89 12.68 2.01
C ALA A 369 4.73 13.43 1.34
N ILE A 370 3.53 12.84 1.30
CA ILE A 370 2.36 13.37 0.53
C ILE A 370 1.46 14.20 1.47
N LYS A 371 1.72 14.23 2.78
CA LYS A 371 0.85 14.98 3.72
C LYS A 371 1.09 16.47 3.50
#